data_5HTR
#
_entry.id   5HTR
#
_cell.length_a   49.742
_cell.length_b   87.928
_cell.length_c   53.590
_cell.angle_alpha   90.00
_cell.angle_beta   96.91
_cell.angle_gamma   90.00
#
_symmetry.space_group_name_H-M   'P 1 21 1'
#
loop_
_entity.id
_entity.type
_entity.pdbx_description
1 polymer 'Putative xylulose kinase'
2 water water
#
_entity_poly.entity_id   1
_entity_poly.type   'polypeptide(L)'
_entity_poly.pdbx_seq_one_letter_code
;SNAVMSGNKGTNYEKLYLGMDFGTSGGRFTVIDEQGEIKAQGKREYPPFMKEESMGWASSWKATLFSLLEDIPVTVRSLV
SSISLDGTSATTLILNSESGEVLCQPYLYNQSCPDALPEVKSIAPANHTVCSGTSTLCKLVSWWNTEVPNRESAVLLHQA
DWLLWLLHGRLGVSDYNNALKVGYDPESESYPSWLLGQPYSQLLPKVQAPGTSIGNLKESFTRQFGFPDDCIVCTGTTDS
IAAFLAARATEPGKAVTSLGSTLAIKLLSTKRVDDARYGVYSHRLDDKWLVGGASNTGGAILRQLFSDEQLERLSQEINP
MVGSPLDYYPLQSSGERFPIADPNLAPRLLPRPESDVEFLHGILESIARIEGKGYKLLKELGATEAEEVLTAGGGAKNDK
WIKIRQRVLGLPVKKAVHTEASYGASLLALKGAKQNSGL
;
_entity_poly.pdbx_strand_id   A
#
# COMPACT_ATOMS: atom_id res chain seq x y z
N GLU A 14 4.78 25.21 15.29
CA GLU A 14 6.20 24.89 15.29
C GLU A 14 6.42 23.38 15.30
N LYS A 15 5.41 22.62 15.75
CA LYS A 15 5.52 21.16 15.78
C LYS A 15 5.47 20.55 14.39
N LEU A 16 6.37 19.59 14.13
CA LEU A 16 6.42 18.90 12.84
C LEU A 16 6.13 17.40 12.98
N TYR A 17 5.91 16.74 11.84
CA TYR A 17 5.38 15.37 11.81
C TYR A 17 6.10 14.58 10.73
N LEU A 18 6.73 13.48 11.13
CA LEU A 18 7.59 12.70 10.25
C LEU A 18 6.93 11.40 9.83
N GLY A 19 6.96 11.14 8.52
CA GLY A 19 6.48 9.89 7.97
C GLY A 19 7.60 9.26 7.15
N MET A 20 7.78 7.97 7.30
CA MET A 20 8.75 7.26 6.49
C MET A 20 8.03 6.15 5.72
N ASP A 21 8.60 5.78 4.57
CA ASP A 21 8.06 4.79 3.65
C ASP A 21 9.17 3.80 3.33
N PHE A 22 9.03 2.57 3.82
CA PHE A 22 9.98 1.54 3.44
C PHE A 22 9.38 0.71 2.33
N GLY A 23 9.90 0.92 1.12
CA GLY A 23 9.34 0.32 -0.07
C GLY A 23 10.14 -0.89 -0.50
N THR A 24 10.02 -1.25 -1.77
CA THR A 24 10.63 -2.47 -2.29
C THR A 24 12.16 -2.38 -2.44
N SER A 25 12.69 -1.18 -2.67
CA SER A 25 14.13 -1.06 -2.89
C SER A 25 14.81 0.03 -2.05
N GLY A 26 14.03 0.89 -1.42
CA GLY A 26 14.60 1.91 -0.55
C GLY A 26 13.58 2.57 0.36
N GLY A 27 14.07 3.44 1.22
CA GLY A 27 13.20 4.18 2.11
C GLY A 27 13.11 5.63 1.72
N ARG A 28 12.03 6.28 2.12
CA ARG A 28 11.81 7.69 1.90
C ARG A 28 11.24 8.33 3.13
N PHE A 29 11.43 9.63 3.30
CA PHE A 29 10.84 10.34 4.43
C PHE A 29 10.25 11.65 3.95
N THR A 30 9.17 12.03 4.63
CA THR A 30 8.56 13.35 4.50
C THR A 30 8.29 13.94 5.90
N VAL A 31 8.67 15.20 6.09
CA VAL A 31 8.31 15.93 7.32
C VAL A 31 7.35 17.07 6.97
N ILE A 32 6.18 17.08 7.62
CA ILE A 32 5.19 18.14 7.39
C ILE A 32 4.92 18.96 8.63
N ASP A 33 4.32 20.12 8.45
CA ASP A 33 3.70 20.82 9.58
C ASP A 33 2.24 20.39 9.65
N GLU A 34 1.51 20.98 10.57
CA GLU A 34 0.12 20.61 10.81
C GLU A 34 -0.77 20.84 9.58
N GLN A 35 -0.39 21.80 8.76
CA GLN A 35 -1.16 22.16 7.59
C GLN A 35 -0.74 21.35 6.36
N GLY A 36 0.15 20.38 6.55
CA GLY A 36 0.54 19.51 5.47
C GLY A 36 1.62 20.07 4.55
N GLU A 37 2.23 21.19 4.91
CA GLU A 37 3.36 21.73 4.15
C GLU A 37 4.61 20.89 4.39
N ILE A 38 5.33 20.55 3.32
CA ILE A 38 6.56 19.75 3.43
C ILE A 38 7.77 20.60 3.84
N LYS A 39 8.38 20.27 4.97
CA LYS A 39 9.56 21.01 5.45
C LYS A 39 10.86 20.31 5.07
N ALA A 40 10.77 19.00 4.84
CA ALA A 40 11.94 18.23 4.42
C ALA A 40 11.46 16.92 3.83
N GLN A 41 12.22 16.38 2.88
CA GLN A 41 11.91 15.08 2.30
C GLN A 41 13.17 14.49 1.68
N GLY A 42 13.24 13.16 1.59
CA GLY A 42 14.44 12.55 1.02
C GLY A 42 14.32 11.05 0.87
N LYS A 43 15.29 10.43 0.19
CA LYS A 43 15.24 9.00 -0.08
C LYS A 43 16.62 8.38 0.03
N ARG A 44 16.64 7.07 0.24
CA ARG A 44 17.88 6.30 0.38
C ARG A 44 17.59 4.91 -0.13
N GLU A 45 18.43 4.37 -1.00
CA GLU A 45 18.24 2.98 -1.36
C GLU A 45 18.82 2.07 -0.27
N TYR A 46 18.29 0.85 -0.14
CA TYR A 46 18.81 -0.08 0.85
C TYR A 46 20.26 -0.47 0.56
N PRO A 47 21.12 -0.41 1.58
CA PRO A 47 22.52 -0.81 1.44
C PRO A 47 22.63 -2.32 1.38
N PRO A 48 23.81 -2.86 1.01
CA PRO A 48 23.92 -4.32 0.98
C PRO A 48 23.96 -4.87 2.40
N PHE A 49 23.67 -6.15 2.59
CA PHE A 49 23.92 -6.75 3.89
C PHE A 49 25.03 -7.79 3.79
N MET A 50 25.65 -8.08 4.92
CA MET A 50 26.72 -9.05 4.98
C MET A 50 26.14 -10.44 4.71
N LYS A 51 26.78 -11.18 3.81
CA LYS A 51 26.35 -12.54 3.46
C LYS A 51 25.97 -13.39 4.69
N GLU A 52 26.81 -13.35 5.72
CA GLU A 52 26.59 -14.14 6.93
C GLU A 52 25.53 -13.59 7.89
N GLU A 53 24.99 -12.42 7.59
CA GLU A 53 24.05 -11.78 8.49
C GLU A 53 22.71 -12.52 8.47
N SER A 54 22.38 -13.23 9.55
CA SER A 54 21.15 -14.00 9.61
C SER A 54 19.91 -13.10 9.49
N MET A 55 20.03 -11.82 9.84
CA MET A 55 18.95 -10.84 9.65
C MET A 55 18.61 -10.59 8.19
N GLY A 56 19.56 -10.85 7.28
CA GLY A 56 19.39 -10.50 5.87
C GLY A 56 19.00 -9.05 5.62
N TRP A 57 17.99 -8.86 4.76
CA TRP A 57 17.51 -7.51 4.41
C TRP A 57 17.14 -6.64 5.62
N ALA A 58 16.72 -7.28 6.72
CA ALA A 58 16.35 -6.53 7.90
C ALA A 58 17.52 -5.65 8.35
N SER A 59 18.75 -6.18 8.27
CA SER A 59 19.90 -5.40 8.70
C SER A 59 20.06 -4.15 7.84
N SER A 60 19.76 -4.29 6.55
CA SER A 60 19.81 -3.16 5.63
C SER A 60 18.71 -2.14 5.96
N TRP A 61 17.52 -2.65 6.27
CA TRP A 61 16.39 -1.75 6.51
C TRP A 61 16.71 -0.88 7.70
N LYS A 62 17.25 -1.51 8.74
CA LYS A 62 17.65 -0.79 9.92
C LYS A 62 18.69 0.28 9.56
N ALA A 63 19.68 -0.08 8.74
CA ALA A 63 20.70 0.90 8.37
C ALA A 63 20.00 2.08 7.72
N THR A 64 19.02 1.77 6.85
CA THR A 64 18.36 2.81 6.09
C THR A 64 17.61 3.72 7.04
N LEU A 65 16.97 3.13 8.05
CA LEU A 65 16.26 3.91 9.04
C LEU A 65 17.23 4.94 9.62
N PHE A 66 18.39 4.47 10.06
CA PHE A 66 19.30 5.41 10.71
C PHE A 66 19.75 6.46 9.69
N SER A 67 20.02 6.03 8.45
CA SER A 67 20.46 7.00 7.43
C SER A 67 19.40 8.07 7.22
N LEU A 68 18.14 7.64 7.10
CA LEU A 68 17.09 8.60 6.81
C LEU A 68 16.99 9.59 7.97
N LEU A 69 17.13 9.10 9.21
CA LEU A 69 16.96 10.00 10.35
C LEU A 69 18.07 11.03 10.29
N GLU A 70 19.26 10.56 9.92
CA GLU A 70 20.42 11.43 9.81
C GLU A 70 20.19 12.47 8.72
N ASP A 71 19.50 12.08 7.65
CA ASP A 71 19.30 12.97 6.52
C ASP A 71 18.37 14.13 6.85
N ILE A 72 17.49 13.95 7.84
CA ILE A 72 16.63 15.05 8.25
C ILE A 72 17.48 16.12 8.88
N PRO A 73 17.34 17.37 8.42
CA PRO A 73 18.08 18.50 9.01
C PRO A 73 17.91 18.53 10.53
N VAL A 74 18.97 18.79 11.29
CA VAL A 74 18.86 18.76 12.75
C VAL A 74 17.84 19.78 13.28
N THR A 75 17.77 20.93 12.63
CA THR A 75 16.79 21.95 13.02
C THR A 75 15.36 21.47 12.79
N VAL A 76 15.17 20.62 11.78
CA VAL A 76 13.87 20.02 11.54
C VAL A 76 13.60 18.91 12.57
N ARG A 77 14.62 18.09 12.87
CA ARG A 77 14.45 17.00 13.82
C ARG A 77 14.07 17.53 15.20
N SER A 78 14.61 18.68 15.58
CA SER A 78 14.33 19.25 16.89
C SER A 78 12.85 19.59 17.07
N LEU A 79 12.13 19.70 15.97
CA LEU A 79 10.72 20.07 16.01
C LEU A 79 9.76 18.88 15.80
N VAL A 80 10.31 17.70 15.52
CA VAL A 80 9.45 16.58 15.16
C VAL A 80 8.79 16.00 16.41
N SER A 81 7.47 16.02 16.42
CA SER A 81 6.69 15.67 17.60
C SER A 81 6.10 14.27 17.53
N SER A 82 6.04 13.72 16.32
CA SER A 82 5.42 12.41 16.14
C SER A 82 5.96 11.78 14.88
N ILE A 83 6.05 10.46 14.90
CA ILE A 83 6.66 9.67 13.84
C ILE A 83 5.78 8.48 13.53
N SER A 84 5.51 8.26 12.25
CA SER A 84 4.88 7.03 11.79
C SER A 84 5.63 6.56 10.54
N LEU A 85 5.41 5.30 10.15
CA LEU A 85 5.98 4.83 8.91
C LEU A 85 5.21 3.66 8.33
N ASP A 86 5.32 3.49 7.02
CA ASP A 86 4.70 2.37 6.35
C ASP A 86 5.76 1.40 5.82
N GLY A 87 5.33 0.19 5.52
CA GLY A 87 6.22 -0.81 5.00
C GLY A 87 5.46 -1.66 4.01
N THR A 88 6.14 -2.64 3.43
CA THR A 88 5.52 -3.45 2.39
C THR A 88 4.65 -4.55 3.01
N SER A 89 3.57 -4.85 2.30
CA SER A 89 2.51 -5.70 2.81
C SER A 89 2.95 -7.14 2.90
N ALA A 90 2.69 -7.78 4.04
CA ALA A 90 3.05 -9.18 4.25
C ALA A 90 4.55 -9.45 4.29
N THR A 91 5.35 -8.39 4.44
CA THR A 91 6.76 -8.57 4.70
C THR A 91 6.88 -8.94 6.17
N THR A 92 7.35 -10.16 6.43
CA THR A 92 7.18 -10.77 7.74
C THR A 92 8.50 -11.12 8.43
N LEU A 93 8.63 -10.68 9.69
CA LEU A 93 9.79 -11.01 10.52
C LEU A 93 9.39 -11.79 11.75
N ILE A 94 10.29 -12.64 12.23
CA ILE A 94 10.10 -13.43 13.44
C ILE A 94 11.23 -13.11 14.43
N LEU A 95 10.86 -12.70 15.65
CA LEU A 95 11.86 -12.29 16.65
C LEU A 95 11.74 -13.11 17.93
N ASN A 96 12.87 -13.33 18.61
CA ASN A 96 12.75 -13.80 19.98
C ASN A 96 12.23 -12.68 20.87
N SER A 97 11.22 -12.98 21.68
CA SER A 97 10.55 -11.96 22.48
C SER A 97 11.46 -11.33 23.54
N GLU A 98 12.43 -12.07 24.05
CA GLU A 98 13.24 -11.54 25.14
C GLU A 98 14.46 -10.74 24.66
N SER A 99 15.11 -11.21 23.61
CA SER A 99 16.34 -10.59 23.11
C SER A 99 16.06 -9.61 21.98
N GLY A 100 14.96 -9.81 21.28
CA GLY A 100 14.65 -8.97 20.14
C GLY A 100 15.37 -9.42 18.89
N GLU A 101 16.13 -10.51 19.00
CA GLU A 101 16.85 -11.05 17.86
C GLU A 101 15.92 -11.49 16.72
N VAL A 102 16.22 -11.02 15.51
CA VAL A 102 15.53 -11.49 14.31
C VAL A 102 16.02 -12.91 14.01
N LEU A 103 15.12 -13.88 14.07
CA LEU A 103 15.49 -15.29 14.07
C LEU A 103 15.78 -15.88 12.69
N CYS A 104 15.39 -15.17 11.63
CA CYS A 104 15.68 -15.61 10.27
C CYS A 104 15.54 -14.45 9.30
N GLN A 105 15.93 -14.66 8.05
CA GLN A 105 15.75 -13.62 7.05
C GLN A 105 14.25 -13.34 6.91
N PRO A 106 13.88 -12.07 6.71
CA PRO A 106 12.47 -11.73 6.53
C PRO A 106 11.82 -12.46 5.36
N TYR A 107 10.54 -12.80 5.51
CA TYR A 107 9.74 -13.27 4.39
C TYR A 107 9.26 -12.05 3.65
N LEU A 108 9.77 -11.82 2.44
CA LEU A 108 9.48 -10.61 1.71
C LEU A 108 8.04 -10.61 1.18
N TYR A 109 7.53 -9.41 0.96
CA TYR A 109 6.17 -9.18 0.48
C TYR A 109 5.79 -10.10 -0.68
N ASN A 110 6.72 -10.33 -1.62
CA ASN A 110 6.40 -11.10 -2.81
C ASN A 110 6.92 -12.53 -2.77
N GLN A 111 7.36 -12.95 -1.59
CA GLN A 111 7.84 -14.31 -1.42
C GLN A 111 6.68 -15.22 -0.99
N SER A 112 6.65 -16.43 -1.54
CA SER A 112 5.53 -17.32 -1.30
C SER A 112 5.93 -18.54 -0.47
N CYS A 113 4.98 -19.03 0.35
CA CYS A 113 5.17 -20.25 1.13
C CYS A 113 4.10 -21.29 0.76
N PRO A 114 4.16 -21.82 -0.48
CA PRO A 114 3.17 -22.80 -0.91
C PRO A 114 3.04 -23.99 0.04
N ASP A 115 4.14 -24.36 0.68
CA ASP A 115 4.16 -25.50 1.59
C ASP A 115 3.13 -25.39 2.71
N ALA A 116 2.76 -24.15 3.03
CA ALA A 116 1.86 -23.89 4.16
C ALA A 116 0.42 -23.70 3.69
N LEU A 117 0.22 -23.55 2.39
CA LEU A 117 -1.10 -23.15 1.91
C LEU A 117 -2.20 -24.16 2.20
N PRO A 118 -1.93 -25.47 2.01
CA PRO A 118 -3.02 -26.40 2.38
C PRO A 118 -3.44 -26.28 3.86
N GLU A 119 -2.48 -26.21 4.77
CA GLU A 119 -2.82 -26.09 6.20
C GLU A 119 -3.66 -24.84 6.44
N VAL A 120 -3.26 -23.72 5.84
CA VAL A 120 -4.04 -22.49 5.95
C VAL A 120 -5.46 -22.71 5.42
N LYS A 121 -5.57 -23.35 4.26
CA LYS A 121 -6.89 -23.61 3.71
C LYS A 121 -7.70 -24.54 4.59
N SER A 122 -7.01 -25.34 5.40
CA SER A 122 -7.70 -26.28 6.29
C SER A 122 -8.28 -25.59 7.53
N ILE A 123 -7.90 -24.34 7.80
CA ILE A 123 -8.47 -23.70 8.99
C ILE A 123 -9.25 -22.42 8.67
N ALA A 124 -8.94 -21.81 7.53
CA ALA A 124 -9.51 -20.52 7.18
C ALA A 124 -10.75 -20.68 6.32
N PRO A 125 -11.66 -19.69 6.34
CA PRO A 125 -12.82 -19.70 5.45
C PRO A 125 -12.36 -19.76 4.00
N ALA A 126 -13.10 -20.48 3.15
CA ALA A 126 -12.80 -20.51 1.73
C ALA A 126 -12.65 -19.09 1.19
N ASN A 127 -11.61 -18.86 0.40
CA ASN A 127 -11.41 -17.57 -0.25
C ASN A 127 -11.15 -16.42 0.72
N HIS A 128 -10.77 -16.74 1.94
CA HIS A 128 -10.29 -15.70 2.86
C HIS A 128 -8.98 -15.15 2.28
N THR A 129 -8.64 -13.91 2.59
CA THR A 129 -7.49 -13.30 1.94
C THR A 129 -6.16 -13.95 2.40
N VAL A 130 -6.17 -14.67 3.52
CA VAL A 130 -4.96 -15.39 3.93
C VAL A 130 -4.67 -16.57 3.00
N CYS A 131 -5.67 -17.03 2.25
CA CYS A 131 -5.52 -18.23 1.45
C CYS A 131 -4.75 -17.98 0.15
N SER A 132 -3.55 -17.44 0.35
CA SER A 132 -2.63 -17.10 -0.72
C SER A 132 -1.24 -17.35 -0.18
N GLY A 133 -0.40 -18.00 -0.99
CA GLY A 133 0.94 -18.37 -0.57
C GLY A 133 1.82 -17.22 -0.10
N THR A 134 1.54 -16.00 -0.57
CA THR A 134 2.31 -14.83 -0.13
C THR A 134 1.76 -14.19 1.15
N SER A 135 0.64 -14.70 1.67
CA SER A 135 0.02 -14.08 2.84
C SER A 135 0.91 -14.20 4.07
N THR A 136 0.78 -13.23 4.98
CA THR A 136 1.54 -13.26 6.23
C THR A 136 1.27 -14.58 6.96
N LEU A 137 0.04 -15.06 6.92
CA LEU A 137 -0.27 -16.28 7.64
C LEU A 137 0.46 -17.48 7.05
N CYS A 138 0.53 -17.59 5.73
CA CYS A 138 1.28 -18.71 5.15
C CYS A 138 2.73 -18.68 5.61
N LYS A 139 3.27 -17.47 5.73
CA LYS A 139 4.64 -17.31 6.17
C LYS A 139 4.80 -17.71 7.64
N LEU A 140 3.85 -17.29 8.47
CA LEU A 140 3.84 -17.64 9.88
C LEU A 140 3.81 -19.16 10.05
N VAL A 141 2.89 -19.79 9.33
CA VAL A 141 2.70 -21.23 9.47
C VAL A 141 3.93 -21.98 8.98
N SER A 142 4.48 -21.56 7.84
CA SER A 142 5.72 -22.15 7.33
C SER A 142 6.87 -22.07 8.36
N TRP A 143 7.06 -20.88 8.92
CA TRP A 143 8.11 -20.71 9.91
C TRP A 143 7.88 -21.61 11.14
N TRP A 144 6.64 -21.58 11.63
CA TRP A 144 6.22 -22.39 12.78
C TRP A 144 6.59 -23.83 12.57
N ASN A 145 6.21 -24.33 11.40
CA ASN A 145 6.42 -25.73 11.06
C ASN A 145 7.88 -26.09 10.84
N THR A 146 8.78 -25.11 10.75
CA THR A 146 10.20 -25.52 10.78
C THR A 146 10.69 -25.93 12.19
N GLU A 147 9.82 -25.87 13.20
CA GLU A 147 10.13 -26.34 14.55
C GLU A 147 11.43 -25.80 15.14
N VAL A 148 11.60 -24.49 15.09
CA VAL A 148 12.73 -23.85 15.75
C VAL A 148 12.63 -24.04 17.27
N PRO A 149 13.72 -24.48 17.92
CA PRO A 149 13.68 -24.56 19.39
C PRO A 149 13.26 -23.23 20.01
N ASN A 150 12.40 -23.32 21.03
CA ASN A 150 11.90 -22.16 21.76
C ASN A 150 11.05 -21.25 20.86
N ARG A 151 10.44 -21.83 19.84
CA ARG A 151 9.56 -21.08 18.92
C ARG A 151 8.37 -20.46 19.65
N GLU A 152 7.95 -21.07 20.76
CA GLU A 152 6.79 -20.56 21.49
C GLU A 152 7.13 -19.26 22.21
N SER A 153 8.41 -18.91 22.25
CA SER A 153 8.86 -17.62 22.79
C SER A 153 9.09 -16.58 21.70
N ALA A 154 8.77 -16.92 20.46
CA ALA A 154 8.93 -15.98 19.35
C ALA A 154 7.69 -15.09 19.20
N VAL A 155 7.85 -14.00 18.44
CA VAL A 155 6.74 -13.11 18.10
C VAL A 155 6.84 -12.75 16.63
N LEU A 156 5.70 -12.52 15.99
CA LEU A 156 5.69 -12.06 14.61
C LEU A 156 5.52 -10.55 14.53
N LEU A 157 6.33 -9.92 13.69
CA LEU A 157 6.13 -8.51 13.36
C LEU A 157 6.13 -8.30 11.86
N HIS A 158 5.27 -7.42 11.36
CA HIS A 158 5.38 -7.00 9.98
C HIS A 158 6.52 -5.99 9.88
N GLN A 159 7.03 -5.77 8.67
CA GLN A 159 8.14 -4.86 8.44
C GLN A 159 7.94 -3.52 9.18
N ALA A 160 6.79 -2.90 8.92
CA ALA A 160 6.47 -1.61 9.51
C ALA A 160 6.49 -1.68 11.05
N ASP A 161 5.83 -2.68 11.62
CA ASP A 161 5.83 -2.87 13.07
C ASP A 161 7.24 -2.94 13.61
N TRP A 162 8.11 -3.67 12.92
CA TRP A 162 9.47 -3.90 13.40
C TRP A 162 10.27 -2.60 13.41
N LEU A 163 10.21 -1.85 12.30
CA LEU A 163 10.93 -0.56 12.28
C LEU A 163 10.39 0.40 13.37
N LEU A 164 9.07 0.42 13.53
CA LEU A 164 8.48 1.26 14.58
C LEU A 164 8.96 0.81 15.96
N TRP A 165 9.00 -0.50 16.19
CA TRP A 165 9.48 -1.05 17.44
C TRP A 165 10.94 -0.70 17.70
N LEU A 166 11.75 -0.62 16.64
CA LEU A 166 13.11 -0.13 16.80
C LEU A 166 13.05 1.26 17.40
N LEU A 167 12.06 2.05 16.97
CA LEU A 167 11.92 3.39 17.56
C LEU A 167 11.31 3.51 18.98
N HIS A 168 10.29 2.71 19.33
CA HIS A 168 9.60 2.95 20.61
C HIS A 168 9.87 1.91 21.70
N GLY A 169 10.36 0.74 21.32
CA GLY A 169 10.79 -0.24 22.30
C GLY A 169 9.68 -1.02 23.00
N ARG A 170 8.45 -0.88 22.54
CA ARG A 170 7.36 -1.71 23.08
C ARG A 170 7.01 -2.84 22.10
N LEU A 171 7.49 -4.04 22.39
CA LEU A 171 7.39 -5.16 21.42
C LEU A 171 5.97 -5.56 21.07
N GLY A 172 5.75 -5.85 19.79
CA GLY A 172 4.56 -6.57 19.37
C GLY A 172 3.31 -5.73 19.21
N VAL A 173 3.41 -4.62 18.48
CA VAL A 173 2.23 -3.85 18.11
C VAL A 173 2.13 -3.66 16.59
N SER A 174 0.93 -3.87 16.04
CA SER A 174 0.70 -3.63 14.62
C SER A 174 -0.57 -2.80 14.45
N ASP A 175 -1.03 -2.70 13.19
CA ASP A 175 -2.20 -1.91 12.85
C ASP A 175 -3.18 -2.72 12.02
N TYR A 176 -4.44 -2.25 11.96
CA TYR A 176 -5.54 -2.83 11.16
C TYR A 176 -5.16 -3.21 9.74
N ASN A 177 -4.35 -2.37 9.09
CA ASN A 177 -3.97 -2.58 7.70
C ASN A 177 -2.86 -3.63 7.51
N ASN A 178 -1.72 -3.44 8.18
CA ASN A 178 -0.62 -4.43 8.09
C ASN A 178 -1.06 -5.84 8.48
N ALA A 179 -1.94 -5.93 9.47
CA ALA A 179 -2.34 -7.22 10.02
C ALA A 179 -3.38 -7.96 9.18
N LEU A 180 -3.90 -7.34 8.12
CA LEU A 180 -4.99 -7.98 7.38
C LEU A 180 -4.61 -9.34 6.80
N LYS A 181 -3.43 -9.43 6.19
CA LYS A 181 -2.99 -10.65 5.52
C LYS A 181 -2.56 -11.76 6.48
N VAL A 182 -2.62 -11.52 7.79
CA VAL A 182 -2.37 -12.61 8.72
C VAL A 182 -3.71 -13.13 9.25
N GLY A 183 -4.79 -12.39 9.00
CA GLY A 183 -6.12 -12.87 9.33
C GLY A 183 -6.88 -11.95 10.27
N TYR A 184 -6.25 -10.87 10.70
CA TYR A 184 -6.94 -9.92 11.56
C TYR A 184 -8.16 -9.35 10.88
N ASP A 185 -9.24 -9.21 11.62
CA ASP A 185 -10.46 -8.62 11.10
C ASP A 185 -10.67 -7.23 11.72
N PRO A 186 -10.49 -6.17 10.91
CA PRO A 186 -10.64 -4.81 11.39
C PRO A 186 -12.11 -4.48 11.71
N GLU A 187 -13.05 -5.24 11.17
CA GLU A 187 -14.46 -4.96 11.42
C GLU A 187 -14.86 -5.29 12.87
N SER A 188 -14.50 -6.49 13.34
CA SER A 188 -14.76 -6.85 14.73
C SER A 188 -13.59 -6.45 15.63
N GLU A 189 -12.53 -5.94 15.02
CA GLU A 189 -11.29 -5.59 15.71
C GLU A 189 -10.78 -6.78 16.52
N SER A 190 -10.63 -7.91 15.85
CA SER A 190 -10.15 -9.12 16.52
C SER A 190 -9.55 -10.08 15.52
N TYR A 191 -8.75 -11.02 16.03
CA TYR A 191 -8.42 -12.21 15.27
C TYR A 191 -9.56 -13.20 15.44
N PRO A 192 -9.95 -13.89 14.36
CA PRO A 192 -11.03 -14.87 14.42
C PRO A 192 -10.65 -16.15 15.19
N SER A 193 -11.65 -16.84 15.74
CA SER A 193 -11.42 -18.06 16.50
C SER A 193 -10.69 -19.16 15.71
N TRP A 194 -10.90 -19.23 14.39
CA TRP A 194 -10.21 -20.26 13.61
C TRP A 194 -8.69 -20.05 13.59
N LEU A 195 -8.27 -18.81 13.79
CA LEU A 195 -6.84 -18.51 13.87
C LEU A 195 -6.37 -18.66 15.31
N LEU A 196 -7.11 -18.06 16.24
CA LEU A 196 -6.74 -18.11 17.66
C LEU A 196 -6.72 -19.55 18.18
N GLY A 197 -7.41 -20.46 17.49
CA GLY A 197 -7.45 -21.86 17.88
C GLY A 197 -6.21 -22.69 17.56
N GLN A 198 -5.24 -22.06 16.92
CA GLN A 198 -3.98 -22.70 16.54
C GLN A 198 -2.81 -22.16 17.38
N PRO A 199 -1.81 -23.02 17.66
CA PRO A 199 -0.76 -22.64 18.61
C PRO A 199 0.14 -21.49 18.12
N TYR A 200 0.35 -21.35 16.82
CA TYR A 200 1.16 -20.24 16.33
C TYR A 200 0.48 -18.89 16.55
N SER A 201 -0.80 -18.90 16.92
CA SER A 201 -1.49 -17.65 17.24
C SER A 201 -0.77 -16.94 18.38
N GLN A 202 -0.01 -17.67 19.19
CA GLN A 202 0.65 -16.98 20.30
C GLN A 202 1.72 -15.98 19.81
N LEU A 203 2.09 -16.06 18.54
CA LEU A 203 3.08 -15.13 17.98
C LEU A 203 2.46 -13.82 17.49
N LEU A 204 1.13 -13.73 17.45
CA LEU A 204 0.47 -12.61 16.77
C LEU A 204 0.64 -11.32 17.57
N PRO A 205 0.86 -10.19 16.87
CA PRO A 205 0.96 -8.94 17.60
C PRO A 205 -0.41 -8.40 18.03
N LYS A 206 -0.43 -7.56 19.06
CA LYS A 206 -1.64 -6.83 19.38
C LYS A 206 -1.84 -5.80 18.27
N VAL A 207 -3.09 -5.45 17.98
CA VAL A 207 -3.40 -4.60 16.83
C VAL A 207 -4.17 -3.34 17.24
N GLN A 208 -3.71 -2.19 16.76
CA GLN A 208 -4.40 -0.91 16.95
C GLN A 208 -4.83 -0.30 15.61
N ALA A 209 -5.50 0.84 15.65
CA ALA A 209 -5.78 1.57 14.41
C ALA A 209 -4.49 2.17 13.86
N PRO A 210 -4.39 2.34 12.52
CA PRO A 210 -3.28 3.06 11.93
C PRO A 210 -3.17 4.47 12.49
N GLY A 211 -1.94 4.97 12.64
CA GLY A 211 -1.75 6.33 13.13
C GLY A 211 -2.25 6.58 14.54
N THR A 212 -2.01 5.62 15.44
CA THR A 212 -2.36 5.83 16.84
C THR A 212 -1.11 5.68 17.70
N SER A 213 -1.06 6.42 18.80
CA SER A 213 0.14 6.48 19.62
C SER A 213 0.47 5.13 20.21
N ILE A 214 1.76 4.78 20.14
CA ILE A 214 2.31 3.59 20.76
C ILE A 214 3.05 3.92 22.05
N GLY A 215 3.86 4.97 22.00
CA GLY A 215 4.70 5.35 23.13
C GLY A 215 5.66 6.44 22.72
N ASN A 216 6.43 6.91 23.69
CA ASN A 216 7.39 7.95 23.44
C ASN A 216 8.56 7.39 22.64
N LEU A 217 9.16 8.23 21.81
CA LEU A 217 10.40 7.89 21.12
C LEU A 217 11.45 7.51 22.15
N LYS A 218 12.24 6.47 21.85
CA LYS A 218 13.29 6.02 22.77
C LYS A 218 14.37 7.08 23.01
N GLU A 219 14.87 7.11 24.24
CA GLU A 219 15.91 8.06 24.62
C GLU A 219 17.15 7.99 23.71
N SER A 220 17.47 6.81 23.20
CA SER A 220 18.61 6.68 22.30
C SER A 220 18.49 7.58 21.07
N PHE A 221 17.28 7.67 20.53
CA PHE A 221 17.05 8.50 19.36
C PHE A 221 16.96 9.99 19.71
N THR A 222 16.38 10.32 20.86
CA THR A 222 16.35 11.73 21.23
C THR A 222 17.79 12.21 21.50
N ARG A 223 18.58 11.36 22.13
CA ARG A 223 19.96 11.72 22.45
C ARG A 223 20.78 11.84 21.18
N GLN A 224 20.65 10.87 20.29
CA GLN A 224 21.52 10.82 19.11
C GLN A 224 21.11 11.83 18.03
N PHE A 225 19.81 12.04 17.85
CA PHE A 225 19.33 12.85 16.74
C PHE A 225 18.69 14.19 17.16
N GLY A 226 18.47 14.36 18.45
CA GLY A 226 17.98 15.65 18.93
C GLY A 226 16.48 15.84 18.79
N PHE A 227 15.74 14.75 18.61
CA PHE A 227 14.29 14.81 18.69
C PHE A 227 13.90 15.24 20.11
N PRO A 228 12.80 16.00 20.23
CA PRO A 228 12.34 16.43 21.56
C PRO A 228 11.92 15.23 22.40
N ASP A 229 12.02 15.35 23.72
CA ASP A 229 11.73 14.24 24.63
C ASP A 229 10.31 13.73 24.57
N ASP A 230 9.40 14.58 24.11
CA ASP A 230 7.99 14.21 24.13
C ASP A 230 7.53 13.74 22.75
N CYS A 231 8.48 13.54 21.85
CA CYS A 231 8.16 12.96 20.53
C CYS A 231 7.54 11.58 20.73
N ILE A 232 6.46 11.30 20.02
CA ILE A 232 5.82 9.99 20.10
C ILE A 232 6.02 9.19 18.83
N VAL A 233 5.76 7.90 18.93
CA VAL A 233 5.83 6.99 17.81
C VAL A 233 4.48 6.34 17.65
N CYS A 234 3.94 6.37 16.43
CA CYS A 234 2.61 5.85 16.16
C CYS A 234 2.62 4.64 15.23
N THR A 235 1.59 3.81 15.31
CA THR A 235 1.41 2.70 14.37
C THR A 235 1.40 3.21 12.94
N GLY A 236 1.78 2.36 12.00
CA GLY A 236 1.79 2.75 10.61
C GLY A 236 0.67 2.14 9.79
N THR A 237 1.05 1.70 8.60
CA THR A 237 0.15 1.10 7.64
C THR A 237 1.03 0.47 6.55
N THR A 238 0.41 0.01 5.47
CA THR A 238 1.16 -0.52 4.35
C THR A 238 1.43 0.60 3.34
N ASP A 239 2.42 0.42 2.48
CA ASP A 239 2.80 1.47 1.55
C ASP A 239 1.67 1.83 0.58
N SER A 240 0.93 0.83 0.11
CA SER A 240 -0.21 1.07 -0.79
C SER A 240 -1.22 2.03 -0.17
N ILE A 241 -1.54 1.75 1.08
CA ILE A 241 -2.55 2.54 1.78
C ILE A 241 -2.01 3.93 2.17
N ALA A 242 -0.75 4.01 2.60
CA ALA A 242 -0.09 5.30 2.84
C ALA A 242 -0.16 6.18 1.60
N ALA A 243 0.12 5.56 0.45
CA ALA A 243 0.06 6.25 -0.82
C ALA A 243 -1.35 6.76 -1.07
N PHE A 244 -2.36 5.94 -0.78
CA PHE A 244 -3.73 6.44 -0.90
C PHE A 244 -4.01 7.63 0.04
N LEU A 245 -3.65 7.48 1.30
CA LEU A 245 -3.83 8.53 2.31
C LEU A 245 -3.24 9.86 1.86
N ALA A 246 -2.13 9.81 1.16
CA ALA A 246 -1.48 11.05 0.67
C ALA A 246 -2.44 11.93 -0.14
N ALA A 247 -3.39 11.31 -0.81
CA ALA A 247 -4.32 12.05 -1.68
C ALA A 247 -5.33 12.87 -0.90
N ARG A 248 -5.48 12.57 0.38
CA ARG A 248 -6.40 13.26 1.28
C ARG A 248 -7.86 13.14 0.80
N ALA A 249 -8.20 12.00 0.20
CA ALA A 249 -9.60 11.66 -0.07
C ALA A 249 -10.14 10.96 1.17
N THR A 250 -11.10 11.61 1.82
CA THR A 250 -11.51 11.18 3.15
C THR A 250 -13.00 10.85 3.28
N GLU A 251 -13.79 11.16 2.28
CA GLU A 251 -15.23 10.88 2.37
C GLU A 251 -15.61 9.71 1.49
N PRO A 252 -16.67 8.97 1.86
CA PRO A 252 -17.19 7.89 1.03
C PRO A 252 -17.57 8.41 -0.36
N GLY A 253 -17.26 7.63 -1.39
CA GLY A 253 -17.51 8.07 -2.74
C GLY A 253 -16.30 8.78 -3.36
N LYS A 254 -15.31 9.12 -2.54
CA LYS A 254 -14.05 9.62 -3.08
C LYS A 254 -13.19 8.46 -3.54
N ALA A 255 -12.54 8.63 -4.69
CA ALA A 255 -11.77 7.54 -5.28
C ALA A 255 -10.40 8.01 -5.72
N VAL A 256 -9.43 7.09 -5.72
CA VAL A 256 -8.14 7.33 -6.35
C VAL A 256 -7.83 6.23 -7.35
N THR A 257 -7.62 6.64 -8.60
CA THR A 257 -7.15 5.77 -9.65
C THR A 257 -5.66 5.92 -9.82
N SER A 258 -4.96 4.80 -9.70
CA SER A 258 -3.55 4.71 -9.98
C SER A 258 -3.34 4.20 -11.41
N LEU A 259 -2.93 5.13 -12.28
CA LEU A 259 -2.69 4.86 -13.70
C LEU A 259 -1.19 4.76 -13.98
N GLY A 260 -0.69 3.54 -13.89
CA GLY A 260 0.73 3.27 -14.09
C GLY A 260 0.90 2.25 -15.20
N SER A 261 1.77 1.27 -14.97
CA SER A 261 1.97 0.19 -15.93
C SER A 261 0.67 -0.58 -16.09
N THR A 262 0.02 -0.79 -14.95
CA THR A 262 -1.31 -1.38 -14.93
C THR A 262 -2.31 -0.40 -14.32
N LEU A 263 -3.57 -0.80 -14.26
CA LEU A 263 -4.60 0.11 -13.77
C LEU A 263 -5.07 -0.37 -12.42
N ALA A 264 -5.11 0.48 -11.42
CA ALA A 264 -5.64 0.03 -10.14
C ALA A 264 -6.50 1.09 -9.52
N ILE A 265 -7.62 0.70 -8.93
CA ILE A 265 -8.50 1.69 -8.33
C ILE A 265 -8.79 1.42 -6.85
N LYS A 266 -9.00 2.51 -6.11
CA LYS A 266 -9.41 2.45 -4.71
C LYS A 266 -10.58 3.40 -4.46
N LEU A 267 -11.59 2.92 -3.76
CA LEU A 267 -12.80 3.70 -3.56
C LEU A 267 -13.19 3.67 -2.10
N LEU A 268 -13.38 4.85 -1.51
CA LEU A 268 -13.79 4.92 -0.10
C LEU A 268 -15.28 4.63 0.02
N SER A 269 -15.64 3.81 1.01
CA SER A 269 -17.00 3.29 1.11
C SER A 269 -17.47 3.14 2.56
N THR A 270 -18.74 3.40 2.80
CA THR A 270 -19.33 3.18 4.12
C THR A 270 -19.50 1.68 4.34
N LYS A 271 -19.52 0.92 3.25
CA LYS A 271 -19.81 -0.51 3.29
C LYS A 271 -18.58 -1.33 2.90
N ARG A 272 -18.24 -2.31 3.73
CA ARG A 272 -17.16 -3.24 3.46
C ARG A 272 -17.48 -4.12 2.24
N VAL A 273 -16.49 -4.36 1.40
CA VAL A 273 -16.68 -5.17 0.21
C VAL A 273 -15.51 -6.15 0.04
N ASP A 274 -15.80 -7.44 0.03
CA ASP A 274 -14.80 -8.44 -0.30
C ASP A 274 -15.40 -9.47 -1.25
N ASP A 275 -14.71 -9.73 -2.35
CA ASP A 275 -15.21 -10.67 -3.34
C ASP A 275 -14.05 -11.35 -4.03
N ALA A 276 -13.88 -12.65 -3.77
CA ALA A 276 -12.75 -13.41 -4.29
C ALA A 276 -12.83 -13.63 -5.81
N ARG A 277 -14.04 -13.67 -6.35
CA ARG A 277 -14.21 -13.81 -7.79
C ARG A 277 -13.33 -12.78 -8.53
N TYR A 278 -13.38 -11.54 -8.05
CA TYR A 278 -12.72 -10.43 -8.71
C TYR A 278 -11.44 -9.96 -8.01
N GLY A 279 -11.08 -10.61 -6.91
CA GLY A 279 -9.89 -10.23 -6.18
C GLY A 279 -10.11 -8.91 -5.47
N VAL A 280 -11.37 -8.56 -5.23
CA VAL A 280 -11.68 -7.32 -4.54
C VAL A 280 -11.61 -7.51 -3.03
N TYR A 281 -10.94 -6.58 -2.37
CA TYR A 281 -10.60 -6.66 -0.95
C TYR A 281 -10.75 -5.28 -0.32
N SER A 282 -11.08 -5.27 0.97
CA SER A 282 -11.30 -4.03 1.69
C SER A 282 -10.34 -3.89 2.87
N HIS A 283 -9.79 -2.69 3.02
CA HIS A 283 -9.05 -2.35 4.24
C HIS A 283 -9.85 -1.36 5.06
N ARG A 284 -9.62 -1.31 6.36
CA ARG A 284 -10.36 -0.35 7.15
C ARG A 284 -9.58 0.97 7.22
N LEU A 285 -10.29 2.09 7.11
CA LEU A 285 -9.74 3.43 7.37
C LEU A 285 -10.74 4.25 8.15
N ASP A 286 -10.41 4.60 9.39
CA ASP A 286 -11.37 5.24 10.27
C ASP A 286 -12.59 4.35 10.40
N ASP A 287 -13.78 4.92 10.18
CA ASP A 287 -15.03 4.15 10.21
C ASP A 287 -15.45 3.73 8.83
N LYS A 288 -14.53 3.76 7.89
CA LYS A 288 -14.81 3.50 6.50
C LYS A 288 -14.02 2.32 5.97
N TRP A 289 -14.32 1.93 4.74
CA TRP A 289 -13.65 0.83 4.06
C TRP A 289 -13.07 1.30 2.73
N LEU A 290 -11.80 0.98 2.52
CA LEU A 290 -11.12 1.28 1.28
C LEU A 290 -11.19 0.03 0.41
N VAL A 291 -11.95 0.14 -0.68
CA VAL A 291 -12.24 -1.00 -1.54
C VAL A 291 -11.37 -0.94 -2.78
N GLY A 292 -10.52 -1.96 -2.98
CA GLY A 292 -9.58 -1.93 -4.08
C GLY A 292 -9.85 -2.97 -5.16
N GLY A 293 -9.47 -2.65 -6.39
CA GLY A 293 -9.57 -3.59 -7.50
C GLY A 293 -8.46 -3.28 -8.48
N ALA A 294 -7.99 -4.28 -9.22
CA ALA A 294 -6.83 -4.06 -10.10
C ALA A 294 -6.95 -4.78 -11.44
N SER A 295 -6.73 -4.00 -12.50
CA SER A 295 -6.81 -4.47 -13.87
C SER A 295 -5.45 -4.49 -14.54
N ASN A 296 -5.31 -5.43 -15.47
CA ASN A 296 -4.09 -5.61 -16.23
C ASN A 296 -3.94 -4.64 -17.38
N THR A 297 -4.97 -3.85 -17.66
CA THR A 297 -4.86 -2.81 -18.69
C THR A 297 -4.02 -1.66 -18.13
N GLY A 298 -3.66 -0.70 -18.98
CA GLY A 298 -2.98 0.48 -18.49
C GLY A 298 -1.89 0.96 -19.41
N GLY A 299 -0.89 1.62 -18.87
CA GLY A 299 0.12 2.27 -19.68
C GLY A 299 1.17 1.35 -20.31
N ALA A 300 1.33 0.14 -19.78
CA ALA A 300 2.36 -0.76 -20.29
C ALA A 300 2.24 -0.98 -21.80
N ILE A 301 1.03 -1.26 -22.28
CA ILE A 301 0.84 -1.54 -23.70
C ILE A 301 1.10 -0.29 -24.53
N LEU A 302 0.82 0.87 -23.95
CA LEU A 302 1.09 2.14 -24.61
C LEU A 302 2.57 2.30 -24.93
N ARG A 303 3.41 2.11 -23.91
CA ARG A 303 4.84 2.31 -24.07
C ARG A 303 5.43 1.15 -24.88
N GLN A 304 4.74 0.02 -24.87
CA GLN A 304 5.07 -1.08 -25.76
C GLN A 304 4.86 -0.70 -27.22
N LEU A 305 3.82 0.10 -27.48
CA LEU A 305 3.46 0.50 -28.85
C LEU A 305 4.13 1.78 -29.35
N PHE A 306 4.40 2.71 -28.42
CA PHE A 306 4.99 4.01 -28.79
C PHE A 306 6.12 4.41 -27.86
N SER A 307 7.02 5.25 -28.35
CA SER A 307 8.00 5.92 -27.50
C SER A 307 7.29 6.96 -26.64
N ASP A 308 7.96 7.44 -25.60
CA ASP A 308 7.37 8.46 -24.73
C ASP A 308 7.27 9.78 -25.51
N GLU A 309 8.18 9.99 -26.45
CA GLU A 309 8.15 11.17 -27.27
C GLU A 309 6.95 11.10 -28.21
N GLN A 310 6.72 9.90 -28.73
CA GLN A 310 5.57 9.69 -29.58
C GLN A 310 4.32 9.87 -28.73
N LEU A 311 4.35 9.35 -27.52
CA LEU A 311 3.21 9.46 -26.63
C LEU A 311 2.81 10.92 -26.38
N GLU A 312 3.72 11.80 -25.95
CA GLU A 312 3.26 13.17 -25.70
C GLU A 312 2.94 13.90 -27.01
N ARG A 313 3.72 13.66 -28.07
CA ARG A 313 3.45 14.39 -29.30
C ARG A 313 2.08 14.01 -29.89
N LEU A 314 1.75 12.73 -29.83
CA LEU A 314 0.47 12.25 -30.32
C LEU A 314 -0.64 12.77 -29.43
N SER A 315 -0.38 12.76 -28.12
CA SER A 315 -1.35 13.25 -27.15
C SER A 315 -1.77 14.69 -27.44
N GLN A 316 -0.82 15.51 -27.86
CA GLN A 316 -1.14 16.90 -28.17
C GLN A 316 -2.12 17.06 -29.34
N GLU A 317 -2.21 16.05 -30.20
CA GLU A 317 -3.12 16.11 -31.34
C GLU A 317 -4.54 15.61 -31.02
N ILE A 318 -4.75 15.09 -29.81
CA ILE A 318 -6.06 14.57 -29.43
C ILE A 318 -7.03 15.67 -28.99
N ASN A 319 -8.26 15.62 -29.49
CA ASN A 319 -9.35 16.40 -28.92
C ASN A 319 -10.06 15.55 -27.87
N PRO A 320 -9.76 15.79 -26.58
CA PRO A 320 -10.27 14.92 -25.51
C PRO A 320 -11.78 15.06 -25.30
N MET A 321 -12.41 16.04 -25.93
CA MET A 321 -13.83 16.28 -25.71
C MET A 321 -14.71 15.54 -26.71
N VAL A 322 -14.08 14.81 -27.62
CA VAL A 322 -14.79 14.04 -28.63
C VAL A 322 -14.46 12.58 -28.39
N GLY A 323 -15.48 11.71 -28.34
CA GLY A 323 -15.24 10.32 -28.02
C GLY A 323 -14.73 9.50 -29.18
N SER A 324 -13.87 8.54 -28.90
CA SER A 324 -13.42 7.57 -29.90
C SER A 324 -14.46 6.47 -30.13
N PRO A 325 -14.68 6.09 -31.40
CA PRO A 325 -15.59 4.99 -31.73
C PRO A 325 -14.95 3.61 -31.55
N LEU A 326 -13.65 3.58 -31.24
CA LEU A 326 -12.91 2.34 -31.10
C LEU A 326 -13.16 1.62 -29.78
N ASP A 327 -13.60 0.36 -29.87
CA ASP A 327 -13.81 -0.49 -28.71
C ASP A 327 -12.61 -1.42 -28.50
N TYR A 328 -11.71 -1.03 -27.60
CA TYR A 328 -10.52 -1.84 -27.33
C TYR A 328 -10.59 -2.43 -25.93
N TYR A 329 -9.90 -3.54 -25.73
CA TYR A 329 -9.53 -3.95 -24.39
C TYR A 329 -8.02 -4.10 -24.35
N PRO A 330 -7.32 -3.00 -24.05
CA PRO A 330 -5.85 -2.99 -24.20
C PRO A 330 -5.17 -3.87 -23.16
N LEU A 331 -4.48 -4.91 -23.62
CA LEU A 331 -3.69 -5.77 -22.75
C LEU A 331 -2.42 -6.16 -23.50
N GLN A 332 -1.38 -6.58 -22.77
CA GLN A 332 -0.16 -7.06 -23.42
C GLN A 332 -0.24 -8.55 -23.69
N SER A 333 -1.05 -9.24 -22.88
CA SER A 333 -1.25 -10.67 -23.00
C SER A 333 -2.63 -11.01 -22.46
N SER A 334 -3.04 -12.26 -22.59
CA SER A 334 -4.39 -12.65 -22.17
C SER A 334 -4.55 -12.70 -20.66
N GLY A 335 -5.75 -12.36 -20.18
CA GLY A 335 -6.06 -12.53 -18.78
C GLY A 335 -6.49 -11.29 -18.02
N GLU A 336 -7.62 -11.40 -17.34
CA GLU A 336 -8.12 -10.33 -16.48
C GLU A 336 -8.81 -10.96 -15.28
N ARG A 337 -8.72 -10.29 -14.13
CA ARG A 337 -9.41 -10.73 -12.93
C ARG A 337 -10.47 -9.69 -12.52
N PHE A 338 -10.16 -8.43 -12.79
CA PHE A 338 -10.98 -7.26 -12.46
C PHE A 338 -10.81 -6.22 -13.58
N PRO A 339 -11.93 -5.66 -14.10
CA PRO A 339 -13.32 -5.86 -13.68
C PRO A 339 -14.00 -7.02 -14.38
N ILE A 340 -13.23 -7.82 -15.11
CA ILE A 340 -13.76 -9.04 -15.71
C ILE A 340 -12.99 -10.24 -15.19
N ALA A 341 -13.69 -11.24 -14.70
CA ALA A 341 -13.06 -12.45 -14.18
C ALA A 341 -12.91 -13.48 -15.30
N ASP A 342 -11.90 -13.27 -16.14
CA ASP A 342 -11.67 -14.18 -17.26
C ASP A 342 -10.19 -14.33 -17.48
N PRO A 343 -9.64 -15.48 -17.06
CA PRO A 343 -8.19 -15.68 -17.16
C PRO A 343 -7.76 -15.90 -18.62
N ASN A 344 -8.71 -15.92 -19.55
CA ASN A 344 -8.41 -16.09 -20.96
C ASN A 344 -8.80 -14.88 -21.81
N LEU A 345 -9.18 -13.79 -21.14
CA LEU A 345 -9.65 -12.59 -21.82
C LEU A 345 -8.61 -12.09 -22.82
N ALA A 346 -8.95 -12.05 -24.11
CA ALA A 346 -8.01 -11.65 -25.15
C ALA A 346 -7.78 -10.13 -25.19
N PRO A 347 -6.52 -9.72 -25.46
CA PRO A 347 -6.31 -8.32 -25.82
C PRO A 347 -7.18 -7.98 -27.03
N ARG A 348 -7.69 -6.75 -27.11
CA ARG A 348 -8.38 -6.29 -28.31
C ARG A 348 -7.87 -4.93 -28.72
N LEU A 349 -7.08 -4.90 -29.78
CA LEU A 349 -6.47 -3.68 -30.29
C LEU A 349 -6.75 -3.54 -31.79
N LEU A 350 -7.79 -4.22 -32.25
CA LEU A 350 -8.19 -4.15 -33.65
C LEU A 350 -9.62 -3.62 -33.71
N PRO A 351 -9.97 -2.88 -34.78
CA PRO A 351 -9.06 -2.47 -35.86
C PRO A 351 -8.08 -1.40 -35.40
N ARG A 352 -6.86 -1.43 -35.93
CA ARG A 352 -5.90 -0.37 -35.68
C ARG A 352 -5.93 0.59 -36.85
N PRO A 353 -6.49 1.78 -36.65
CA PRO A 353 -6.56 2.79 -37.72
C PRO A 353 -5.16 3.18 -38.16
N GLU A 354 -5.03 3.68 -39.38
CA GLU A 354 -3.72 4.05 -39.91
C GLU A 354 -3.15 5.25 -39.17
N SER A 355 -4.04 6.12 -38.68
CA SER A 355 -3.62 7.23 -37.83
C SER A 355 -3.26 6.82 -36.40
N ASP A 356 -2.00 7.06 -36.03
CA ASP A 356 -1.54 6.77 -34.68
C ASP A 356 -2.28 7.62 -33.65
N VAL A 357 -2.74 8.81 -34.05
CA VAL A 357 -3.50 9.65 -33.13
C VAL A 357 -4.85 9.01 -32.81
N GLU A 358 -5.57 8.60 -33.85
CA GLU A 358 -6.82 7.85 -33.67
C GLU A 358 -6.61 6.58 -32.83
N PHE A 359 -5.53 5.86 -33.11
CA PHE A 359 -5.19 4.65 -32.38
C PHE A 359 -5.01 4.93 -30.89
N LEU A 360 -4.15 5.91 -30.60
CA LEU A 360 -3.88 6.32 -29.23
C LEU A 360 -5.16 6.75 -28.50
N HIS A 361 -5.97 7.57 -29.16
CA HIS A 361 -7.20 8.05 -28.58
C HIS A 361 -8.08 6.85 -28.22
N GLY A 362 -8.16 5.88 -29.13
CA GLY A 362 -8.92 4.68 -28.87
C GLY A 362 -8.44 3.93 -27.64
N ILE A 363 -7.12 3.86 -27.47
CA ILE A 363 -6.57 3.16 -26.32
C ILE A 363 -6.90 3.89 -25.02
N LEU A 364 -6.63 5.19 -24.99
CA LEU A 364 -6.88 6.00 -23.80
C LEU A 364 -8.36 5.96 -23.39
N GLU A 365 -9.23 6.12 -24.37
CA GLU A 365 -10.66 6.09 -24.14
C GLU A 365 -11.12 4.73 -23.64
N SER A 366 -10.56 3.66 -24.21
CA SER A 366 -10.97 2.31 -23.82
C SER A 366 -10.51 1.99 -22.40
N ILE A 367 -9.30 2.43 -22.05
CA ILE A 367 -8.84 2.28 -20.69
C ILE A 367 -9.77 3.05 -19.76
N ALA A 368 -10.22 4.24 -20.19
CA ALA A 368 -11.22 4.98 -19.40
C ALA A 368 -12.49 4.15 -19.21
N ARG A 369 -12.94 3.48 -20.27
CA ARG A 369 -14.11 2.60 -20.18
C ARG A 369 -13.93 1.52 -19.13
N ILE A 370 -12.75 0.90 -19.15
CA ILE A 370 -12.43 -0.16 -18.19
C ILE A 370 -12.41 0.38 -16.77
N GLU A 371 -11.84 1.56 -16.59
CA GLU A 371 -11.82 2.21 -15.27
C GLU A 371 -13.26 2.43 -14.76
N GLY A 372 -14.11 2.99 -15.62
CA GLY A 372 -15.50 3.23 -15.28
C GLY A 372 -16.21 1.95 -14.89
N LYS A 373 -15.95 0.89 -15.66
CA LYS A 373 -16.56 -0.39 -15.42
C LYS A 373 -16.11 -0.95 -14.06
N GLY A 374 -14.85 -0.70 -13.70
CA GLY A 374 -14.31 -1.09 -12.41
C GLY A 374 -15.05 -0.40 -11.27
N TYR A 375 -15.20 0.92 -11.38
CA TYR A 375 -15.94 1.61 -10.31
C TYR A 375 -17.40 1.15 -10.23
N LYS A 376 -18.01 0.89 -11.39
CA LYS A 376 -19.39 0.42 -11.36
C LYS A 376 -19.47 -0.93 -10.67
N LEU A 377 -18.48 -1.79 -10.91
CA LEU A 377 -18.52 -3.12 -10.31
C LEU A 377 -18.39 -3.00 -8.80
N LEU A 378 -17.47 -2.16 -8.35
CA LEU A 378 -17.32 -1.99 -6.90
C LEU A 378 -18.65 -1.49 -6.29
N LYS A 379 -19.32 -0.58 -7.00
CA LYS A 379 -20.61 -0.10 -6.52
C LYS A 379 -21.64 -1.24 -6.46
N GLU A 380 -21.66 -2.09 -7.48
CA GLU A 380 -22.61 -3.20 -7.52
C GLU A 380 -22.30 -4.28 -6.48
N LEU A 381 -21.03 -4.40 -6.10
CA LEU A 381 -20.64 -5.31 -5.04
C LEU A 381 -20.95 -4.73 -3.66
N GLY A 382 -21.41 -3.48 -3.63
CA GLY A 382 -21.83 -2.87 -2.39
C GLY A 382 -21.11 -1.61 -1.97
N ALA A 383 -20.13 -1.16 -2.75
CA ALA A 383 -19.39 0.02 -2.31
C ALA A 383 -20.22 1.28 -2.53
N THR A 384 -19.96 2.29 -1.71
CA THR A 384 -20.48 3.63 -1.96
C THR A 384 -20.10 4.09 -3.35
N GLU A 385 -21.08 4.54 -4.12
CA GLU A 385 -20.84 4.94 -5.50
C GLU A 385 -19.80 6.05 -5.64
N ALA A 386 -18.91 5.89 -6.62
CA ALA A 386 -17.88 6.89 -6.90
C ALA A 386 -18.51 8.23 -7.28
N GLU A 387 -17.95 9.31 -6.72
CA GLU A 387 -18.48 10.66 -6.91
C GLU A 387 -17.43 11.56 -7.56
N GLU A 388 -16.16 11.27 -7.32
CA GLU A 388 -15.05 12.06 -7.81
C GLU A 388 -13.80 11.19 -7.83
N VAL A 389 -12.98 11.33 -8.85
CA VAL A 389 -11.84 10.44 -9.00
C VAL A 389 -10.55 11.23 -9.05
N LEU A 390 -9.70 11.05 -8.04
CA LEU A 390 -8.35 11.60 -8.06
C LEU A 390 -7.44 10.64 -8.80
N THR A 391 -6.37 11.15 -9.38
CA THR A 391 -5.49 10.33 -10.22
C THR A 391 -4.08 10.34 -9.70
N ALA A 392 -3.49 9.16 -9.60
CA ALA A 392 -2.08 8.98 -9.26
C ALA A 392 -1.43 8.18 -10.37
N GLY A 393 -0.11 8.01 -10.30
CA GLY A 393 0.63 7.26 -11.30
C GLY A 393 1.07 8.16 -12.45
N GLY A 394 1.81 7.59 -13.39
CA GLY A 394 2.27 8.31 -14.56
C GLY A 394 1.14 8.90 -15.40
N GLY A 395 0.04 8.16 -15.49
CA GLY A 395 -1.12 8.60 -16.25
C GLY A 395 -1.68 9.93 -15.81
N ALA A 396 -1.39 10.28 -14.56
CA ALA A 396 -1.92 11.50 -13.99
C ALA A 396 -1.32 12.76 -14.63
N LYS A 397 -0.14 12.64 -15.24
CA LYS A 397 0.48 13.86 -15.76
C LYS A 397 0.00 14.13 -17.20
N ASN A 398 -0.90 13.31 -17.72
CA ASN A 398 -1.46 13.50 -19.06
C ASN A 398 -2.81 14.18 -18.96
N ASP A 399 -2.87 15.50 -19.18
CA ASP A 399 -4.15 16.16 -18.96
C ASP A 399 -5.21 15.86 -20.04
N LYS A 400 -4.77 15.56 -21.25
CA LYS A 400 -5.71 15.07 -22.27
C LYS A 400 -6.40 13.80 -21.80
N TRP A 401 -5.62 12.91 -21.18
CA TRP A 401 -6.14 11.65 -20.69
C TRP A 401 -7.09 11.92 -19.53
N ILE A 402 -6.73 12.89 -18.69
CA ILE A 402 -7.60 13.34 -17.60
C ILE A 402 -8.98 13.77 -18.12
N LYS A 403 -8.98 14.60 -19.15
CA LYS A 403 -10.23 15.09 -19.72
C LYS A 403 -11.02 13.95 -20.37
N ILE A 404 -10.32 13.06 -21.05
CA ILE A 404 -10.97 11.89 -21.63
C ILE A 404 -11.67 11.07 -20.54
N ARG A 405 -10.97 10.85 -19.44
CA ARG A 405 -11.50 10.06 -18.35
C ARG A 405 -12.68 10.78 -17.70
N GLN A 406 -12.60 12.08 -17.54
CA GLN A 406 -13.71 12.82 -16.95
C GLN A 406 -14.96 12.67 -17.82
N ARG A 407 -14.79 12.74 -19.13
CA ARG A 407 -15.93 12.60 -20.04
C ARG A 407 -16.50 11.19 -20.01
N VAL A 408 -15.63 10.19 -20.14
CA VAL A 408 -16.06 8.80 -20.22
C VAL A 408 -16.66 8.30 -18.90
N LEU A 409 -16.03 8.65 -17.78
CA LEU A 409 -16.53 8.25 -16.47
C LEU A 409 -17.79 9.00 -16.10
N GLY A 410 -17.97 10.19 -16.68
CA GLY A 410 -19.11 11.03 -16.35
C GLY A 410 -19.02 11.54 -14.93
N LEU A 411 -17.79 11.72 -14.46
CA LEU A 411 -17.50 12.18 -13.10
C LEU A 411 -16.35 13.18 -13.14
N PRO A 412 -16.28 14.06 -12.13
CA PRO A 412 -15.10 14.94 -12.06
C PRO A 412 -13.84 14.14 -11.79
N VAL A 413 -12.80 14.43 -12.58
CA VAL A 413 -11.53 13.73 -12.48
C VAL A 413 -10.40 14.74 -12.39
N LYS A 414 -9.48 14.55 -11.46
CA LYS A 414 -8.30 15.40 -11.40
C LYS A 414 -7.07 14.66 -10.88
N LYS A 415 -5.93 15.34 -10.88
CA LYS A 415 -4.72 14.80 -10.25
C LYS A 415 -4.85 14.84 -8.73
N ALA A 416 -4.42 13.77 -8.06
CA ALA A 416 -4.22 13.86 -6.63
C ALA A 416 -3.07 14.84 -6.36
N VAL A 417 -3.17 15.62 -5.31
CA VAL A 417 -2.12 16.60 -5.03
C VAL A 417 -0.83 15.91 -4.57
N HIS A 418 -0.94 15.01 -3.59
CA HIS A 418 0.21 14.24 -3.09
C HIS A 418 -0.04 12.76 -3.32
N THR A 419 1.00 12.01 -3.66
CA THR A 419 0.84 10.58 -3.89
C THR A 419 1.90 9.72 -3.22
N GLU A 420 2.90 10.33 -2.60
CA GLU A 420 3.98 9.56 -1.99
C GLU A 420 3.48 8.92 -0.71
N ALA A 421 3.79 7.63 -0.56
CA ALA A 421 3.48 6.89 0.67
C ALA A 421 4.04 7.59 1.93
N SER A 422 5.27 8.11 1.85
CA SER A 422 5.86 8.74 3.03
C SER A 422 5.07 9.99 3.43
N TYR A 423 4.39 10.61 2.47
CA TYR A 423 3.58 11.78 2.80
C TYR A 423 2.37 11.30 3.62
N GLY A 424 1.76 10.21 3.16
CA GLY A 424 0.64 9.63 3.89
C GLY A 424 1.01 9.15 5.28
N ALA A 425 2.22 8.61 5.42
CA ALA A 425 2.71 8.19 6.71
C ALA A 425 2.87 9.40 7.62
N SER A 426 3.31 10.53 7.06
CA SER A 426 3.41 11.74 7.88
C SER A 426 2.01 12.21 8.32
N LEU A 427 0.99 11.96 7.50
CA LEU A 427 -0.36 12.28 7.94
C LEU A 427 -0.79 11.39 9.10
N LEU A 428 -0.36 10.13 9.08
CA LEU A 428 -0.65 9.25 10.21
C LEU A 428 0.05 9.73 11.47
N ALA A 429 1.29 10.20 11.35
CA ALA A 429 1.99 10.76 12.50
C ALA A 429 1.20 11.95 13.10
N LEU A 430 0.72 12.81 12.21
CA LEU A 430 -0.11 13.95 12.62
C LEU A 430 -1.41 13.52 13.30
N LYS A 431 -2.09 12.53 12.72
CA LYS A 431 -3.32 12.00 13.30
C LYS A 431 -3.06 11.48 14.72
N GLY A 432 -1.99 10.71 14.87
CA GLY A 432 -1.60 10.18 16.16
C GLY A 432 -1.31 11.26 17.18
N ALA A 433 -0.63 12.32 16.76
CA ALA A 433 -0.32 13.44 17.65
C ALA A 433 -1.58 14.19 18.09
N LYS A 434 -2.46 14.45 17.14
CA LYS A 434 -3.71 15.13 17.42
C LYS A 434 -4.60 14.33 18.36
N GLN A 435 -4.69 13.02 18.13
CA GLN A 435 -5.48 12.15 18.99
C GLN A 435 -4.87 12.10 20.39
N ASN A 436 -3.55 11.94 20.46
CA ASN A 436 -2.82 11.85 21.73
C ASN A 436 -2.87 13.15 22.53
N SER A 437 -3.02 14.27 21.82
CA SER A 437 -3.16 15.57 22.46
C SER A 437 -4.54 15.73 23.10
#